data_3A45
#
_entry.id   3A45
#
_cell.length_a   38.673
_cell.length_b   54.417
_cell.length_c   87.308
_cell.angle_alpha   107.000
_cell.angle_beta   99.860
_cell.angle_gamma   93.420
#
_symmetry.space_group_name_H-M   'P 1'
#
loop_
_entity.id
_entity.type
_entity.pdbx_description
1 polymer 'Formamidopyrimidine-DNA glycosylase'
2 non-polymer 'POTASSIUM ION'
3 water water
#
_entity_poly.entity_id   1
_entity_poly.type   'polypeptide(L)'
_entity_poly.pdbx_seq_one_letter_code
;MPEGPEVALTADILEKYFKGKTLEYIDFISGRYSKSEPEGYDDFIANLPLKVSNVDTKGKFLWFELFDPNDKSNKWYIWN
TFGLTGMWSLFEAKYTRAVLSFDNELMAYFSDMRNFGTFKFSNSEKELKRKLNELGPDFLKNDDIDISKIKKYKQPIVAL
LMDQKKIGSGLGNYLVAEILYRAKIDPHKLGSNLTDQEIENLWYWIKYETKLAYDSNHIGYMVNLENESSKIGRKNYHPN
IHPTEKEFDFLVYRKKKDPNGNKVIADKIIGSGKNKRTTYWAPAIQKLE
;
_entity_poly.pdbx_strand_id   A,B
#
loop_
_chem_comp.id
_chem_comp.type
_chem_comp.name
_chem_comp.formula
K non-polymer 'POTASSIUM ION' 'K 1'
#
# COMPACT_ATOMS: atom_id res chain seq x y z
N PRO A 2 -5.52 -6.55 -23.37
CA PRO A 2 -6.88 -6.25 -22.85
C PRO A 2 -7.13 -4.75 -22.75
N GLU A 3 -8.37 -4.34 -23.00
CA GLU A 3 -8.74 -2.94 -22.92
C GLU A 3 -9.88 -2.77 -21.92
N GLY A 4 -10.48 -1.58 -21.90
CA GLY A 4 -11.56 -1.30 -20.97
C GLY A 4 -12.53 -2.44 -20.67
N PRO A 5 -13.22 -2.97 -21.69
CA PRO A 5 -14.17 -4.05 -21.50
C PRO A 5 -13.62 -5.33 -20.88
N GLU A 6 -12.42 -5.74 -21.29
CA GLU A 6 -11.86 -6.96 -20.72
C GLU A 6 -11.59 -6.82 -19.23
N VAL A 7 -11.10 -5.66 -18.84
CA VAL A 7 -10.79 -5.39 -17.44
C VAL A 7 -12.07 -5.41 -16.61
N ALA A 8 -13.10 -4.72 -17.09
CA ALA A 8 -14.38 -4.66 -16.39
C ALA A 8 -15.03 -6.04 -16.27
N LEU A 9 -15.04 -6.80 -17.37
CA LEU A 9 -15.62 -8.14 -17.34
C LEU A 9 -14.81 -9.04 -16.42
N THR A 10 -13.50 -8.85 -16.38
CA THR A 10 -12.67 -9.66 -15.49
C THR A 10 -12.99 -9.29 -14.04
N ALA A 11 -13.15 -8.01 -13.76
CA ALA A 11 -13.47 -7.61 -12.38
C ALA A 11 -14.77 -8.29 -11.99
N ASP A 12 -15.78 -8.18 -12.86
CA ASP A 12 -17.11 -8.81 -12.64
C ASP A 12 -16.97 -10.26 -12.24
N ILE A 13 -16.16 -11.00 -12.99
CA ILE A 13 -15.93 -12.41 -12.70
C ILE A 13 -15.23 -12.53 -11.36
N LEU A 14 -14.19 -11.72 -11.15
CA LEU A 14 -13.44 -11.73 -9.89
C LEU A 14 -14.36 -11.48 -8.70
N GLU A 15 -15.29 -10.53 -8.83
CA GLU A 15 -16.22 -10.26 -7.75
C GLU A 15 -17.14 -11.46 -7.50
N LYS A 16 -17.61 -12.08 -8.58
CA LYS A 16 -18.50 -13.23 -8.46
C LYS A 16 -17.90 -14.36 -7.61
N TYR A 17 -16.62 -14.63 -7.80
CA TYR A 17 -15.96 -15.68 -7.07
C TYR A 17 -15.25 -15.27 -5.78
N PHE A 18 -14.74 -14.05 -5.71
CA PHE A 18 -13.99 -13.67 -4.52
C PHE A 18 -14.51 -12.57 -3.61
N LYS A 19 -15.58 -11.89 -4.01
CA LYS A 19 -16.12 -10.84 -3.17
C LYS A 19 -16.63 -11.47 -1.88
N GLY A 20 -16.14 -10.96 -0.75
CA GLY A 20 -16.55 -11.48 0.54
C GLY A 20 -15.74 -12.69 1.00
N LYS A 21 -14.75 -13.09 0.21
CA LYS A 21 -13.93 -14.24 0.59
C LYS A 21 -12.70 -13.75 1.34
N THR A 22 -12.08 -14.66 2.10
CA THR A 22 -10.91 -14.31 2.87
C THR A 22 -9.61 -14.63 2.14
N LEU A 23 -8.84 -13.58 1.82
CA LEU A 23 -7.57 -13.73 1.14
C LEU A 23 -6.53 -14.07 2.20
N GLU A 24 -5.77 -15.12 2.00
CA GLU A 24 -4.78 -15.51 2.99
C GLU A 24 -3.34 -15.25 2.60
N TYR A 25 -3.05 -15.26 1.30
CA TYR A 25 -1.68 -15.03 0.89
C TYR A 25 -1.59 -14.74 -0.58
N ILE A 26 -0.42 -14.24 -0.98
CA ILE A 26 -0.15 -13.97 -2.38
C ILE A 26 1.30 -14.34 -2.62
N ASP A 27 1.54 -15.12 -3.66
CA ASP A 27 2.90 -15.50 -4.01
C ASP A 27 3.19 -15.00 -5.41
N PHE A 28 4.39 -14.46 -5.62
CA PHE A 28 4.80 -14.06 -6.97
C PHE A 28 5.88 -15.09 -7.25
N ILE A 29 5.50 -16.12 -8.00
CA ILE A 29 6.38 -17.25 -8.31
C ILE A 29 7.31 -17.13 -9.50
N SER A 30 7.11 -16.11 -10.33
CA SER A 30 7.97 -15.89 -11.49
C SER A 30 7.68 -14.48 -12.02
N GLY A 31 8.42 -14.06 -13.02
CA GLY A 31 8.19 -12.73 -13.58
C GLY A 31 8.87 -11.61 -12.81
N ARG A 32 8.55 -10.39 -13.19
CA ARG A 32 9.11 -9.17 -12.61
C ARG A 32 9.07 -9.04 -11.09
N TYR A 33 8.07 -9.61 -10.43
CA TYR A 33 7.98 -9.51 -8.99
C TYR A 33 8.53 -10.74 -8.25
N SER A 34 8.99 -11.71 -9.01
CA SER A 34 9.55 -12.95 -8.48
C SER A 34 10.61 -12.68 -7.40
N LYS A 35 11.57 -11.81 -7.70
CA LYS A 35 12.63 -11.48 -6.74
C LYS A 35 12.38 -10.18 -5.99
N SER A 36 11.99 -9.13 -6.71
CA SER A 36 11.69 -7.85 -6.08
C SER A 36 10.17 -7.71 -6.04
N GLU A 37 9.61 -7.88 -4.86
CA GLU A 37 8.17 -7.80 -4.65
C GLU A 37 7.60 -6.42 -4.97
N PRO A 38 6.30 -6.35 -5.27
CA PRO A 38 5.66 -5.07 -5.59
C PRO A 38 5.70 -4.15 -4.37
N GLU A 39 5.63 -2.84 -4.61
CA GLU A 39 5.63 -1.88 -3.51
C GLU A 39 4.50 -2.21 -2.53
N GLY A 40 4.83 -2.19 -1.24
CA GLY A 40 3.86 -2.47 -0.19
C GLY A 40 3.54 -3.94 0.08
N TYR A 41 4.13 -4.83 -0.70
CA TYR A 41 3.88 -6.26 -0.56
C TYR A 41 4.09 -6.81 0.84
N ASP A 42 5.27 -6.54 1.40
CA ASP A 42 5.61 -7.05 2.73
C ASP A 42 4.62 -6.62 3.81
N ASP A 43 4.29 -5.33 3.82
CA ASP A 43 3.34 -4.77 4.78
C ASP A 43 1.98 -5.44 4.53
N PHE A 44 1.62 -5.62 3.28
CA PHE A 44 0.35 -6.24 2.93
C PHE A 44 0.27 -7.68 3.45
N ILE A 45 1.31 -8.47 3.20
CA ILE A 45 1.34 -9.86 3.66
C ILE A 45 1.19 -9.91 5.17
N ALA A 46 1.92 -9.04 5.86
CA ALA A 46 1.87 -8.97 7.32
C ALA A 46 0.47 -8.68 7.85
N ASN A 47 -0.36 -8.03 7.05
CA ASN A 47 -1.73 -7.71 7.45
C ASN A 47 -2.78 -8.74 7.03
N LEU A 48 -2.36 -9.75 6.29
CA LEU A 48 -3.29 -10.79 5.88
C LEU A 48 -3.49 -11.74 7.05
N PRO A 49 -4.62 -12.46 7.08
CA PRO A 49 -5.71 -12.45 6.10
C PRO A 49 -6.65 -11.25 6.21
N LEU A 50 -7.33 -10.98 5.10
CA LEU A 50 -8.29 -9.87 5.01
C LEU A 50 -9.41 -10.33 4.08
N LYS A 51 -10.60 -9.79 4.26
CA LYS A 51 -11.74 -10.12 3.42
C LYS A 51 -11.85 -9.13 2.27
N VAL A 52 -12.27 -9.61 1.10
CA VAL A 52 -12.43 -8.77 -0.08
C VAL A 52 -13.85 -8.19 -0.07
N SER A 53 -13.94 -6.87 -0.14
CA SER A 53 -15.24 -6.21 -0.14
C SER A 53 -15.68 -5.82 -1.54
N ASN A 54 -14.71 -5.64 -2.44
CA ASN A 54 -15.00 -5.27 -3.82
C ASN A 54 -13.82 -5.45 -4.77
N VAL A 55 -14.12 -5.56 -6.06
CA VAL A 55 -13.10 -5.63 -7.09
C VAL A 55 -13.68 -4.69 -8.14
N ASP A 56 -13.15 -3.48 -8.21
CA ASP A 56 -13.64 -2.47 -9.12
C ASP A 56 -12.62 -2.08 -10.17
N THR A 57 -13.09 -1.35 -11.17
CA THR A 57 -12.22 -0.89 -12.25
C THR A 57 -12.61 0.50 -12.72
N LYS A 58 -11.69 1.14 -13.42
CA LYS A 58 -11.93 2.44 -14.01
C LYS A 58 -11.03 2.41 -15.23
N GLY A 59 -11.62 2.26 -16.41
CA GLY A 59 -10.82 2.19 -17.61
C GLY A 59 -10.05 0.88 -17.60
N LYS A 60 -8.75 0.94 -17.83
CA LYS A 60 -7.92 -0.27 -17.84
C LYS A 60 -7.36 -0.60 -16.46
N PHE A 61 -7.67 0.24 -15.48
CA PHE A 61 -7.20 0.06 -14.11
C PHE A 61 -8.16 -0.76 -13.22
N LEU A 62 -7.63 -1.77 -12.56
CA LEU A 62 -8.43 -2.62 -11.69
C LEU A 62 -7.86 -2.64 -10.27
N TRP A 63 -8.72 -2.80 -9.28
CA TRP A 63 -8.24 -2.87 -7.91
C TRP A 63 -9.14 -3.68 -6.99
N PHE A 64 -8.52 -4.27 -5.97
CA PHE A 64 -9.23 -5.05 -4.97
C PHE A 64 -9.32 -4.15 -3.75
N GLU A 65 -10.45 -4.18 -3.06
CA GLU A 65 -10.61 -3.42 -1.82
C GLU A 65 -10.79 -4.46 -0.73
N LEU A 66 -9.93 -4.41 0.29
CA LEU A 66 -10.03 -5.38 1.37
C LEU A 66 -10.11 -4.67 2.71
N PHE A 67 -10.69 -5.36 3.68
CA PHE A 67 -10.81 -4.81 5.02
C PHE A 67 -10.52 -5.92 6.01
N ASP A 68 -10.13 -5.51 7.21
CA ASP A 68 -9.79 -6.42 8.29
C ASP A 68 -10.99 -6.64 9.20
N PRO A 69 -11.50 -7.87 9.28
CA PRO A 69 -12.65 -8.21 10.11
C PRO A 69 -12.46 -7.85 11.59
N ASN A 70 -11.21 -7.74 12.03
CA ASN A 70 -10.92 -7.42 13.44
C ASN A 70 -10.48 -5.97 13.70
N ASP A 71 -10.47 -5.13 12.66
CA ASP A 71 -10.08 -3.74 12.82
C ASP A 71 -10.68 -2.94 11.67
N LYS A 72 -11.86 -2.37 11.92
CA LYS A 72 -12.56 -1.57 10.93
C LYS A 72 -11.68 -0.48 10.31
N SER A 73 -10.61 -0.08 11.00
CA SER A 73 -9.74 0.98 10.48
C SER A 73 -8.66 0.48 9.53
N ASN A 74 -8.41 -0.82 9.50
CA ASN A 74 -7.37 -1.39 8.65
C ASN A 74 -7.89 -1.75 7.26
N LYS A 75 -7.82 -0.81 6.32
CA LYS A 75 -8.28 -1.03 4.95
C LYS A 75 -7.11 -1.13 3.98
N TRP A 76 -7.14 -2.10 3.08
CA TRP A 76 -6.06 -2.29 2.10
C TRP A 76 -6.55 -2.38 0.65
N TYR A 77 -5.64 -2.09 -0.28
CA TYR A 77 -5.98 -2.10 -1.70
C TYR A 77 -4.90 -2.74 -2.57
N ILE A 78 -5.36 -3.47 -3.60
CA ILE A 78 -4.45 -4.11 -4.54
C ILE A 78 -4.66 -3.43 -5.89
N TRP A 79 -3.63 -2.73 -6.37
CA TRP A 79 -3.67 -2.03 -7.66
C TRP A 79 -3.17 -2.96 -8.74
N ASN A 80 -3.88 -3.00 -9.87
CA ASN A 80 -3.49 -3.91 -10.94
C ASN A 80 -3.78 -3.42 -12.36
N THR A 81 -2.79 -3.54 -13.24
CA THR A 81 -2.94 -3.23 -14.66
C THR A 81 -2.50 -4.51 -15.37
N PHE A 82 -3.26 -4.95 -16.36
CA PHE A 82 -2.98 -6.18 -17.09
C PHE A 82 -1.78 -6.12 -18.04
N GLY A 83 -1.71 -5.04 -18.82
CA GLY A 83 -0.64 -4.92 -19.79
C GLY A 83 -1.11 -5.71 -21.00
N LEU A 84 -0.29 -5.77 -22.05
CA LEU A 84 -0.65 -6.49 -23.27
C LEU A 84 -0.96 -7.98 -23.11
N THR A 85 -0.29 -8.67 -22.19
CA THR A 85 -0.53 -10.11 -22.04
C THR A 85 -1.04 -10.56 -20.68
N GLY A 86 -1.48 -9.61 -19.85
CA GLY A 86 -1.99 -9.95 -18.54
C GLY A 86 -3.39 -10.56 -18.55
N MET A 87 -3.53 -11.69 -17.85
CA MET A 87 -4.81 -12.39 -17.78
C MET A 87 -5.07 -12.96 -16.38
N TRP A 88 -6.33 -12.93 -15.96
CA TRP A 88 -6.69 -13.51 -14.67
C TRP A 88 -7.36 -14.86 -14.96
N SER A 89 -7.35 -15.76 -13.98
CA SER A 89 -7.96 -17.06 -14.17
C SER A 89 -8.21 -17.78 -12.85
N LEU A 90 -9.03 -18.84 -12.92
CA LEU A 90 -9.37 -19.66 -11.75
C LEU A 90 -8.49 -20.91 -11.70
N PHE A 91 -7.54 -20.99 -12.64
CA PHE A 91 -6.61 -22.11 -12.66
C PHE A 91 -5.22 -21.58 -12.92
N GLU A 92 -4.22 -22.32 -12.45
CA GLU A 92 -2.83 -21.96 -12.61
C GLU A 92 -2.41 -22.23 -14.05
N ALA A 93 -2.64 -21.23 -14.90
CA ALA A 93 -2.32 -21.32 -16.32
C ALA A 93 -0.82 -21.12 -16.52
N LYS A 94 -0.36 -21.39 -17.74
CA LYS A 94 1.03 -21.22 -18.09
C LYS A 94 1.37 -19.73 -17.91
N TYR A 95 2.59 -19.46 -17.45
CA TYR A 95 3.07 -18.11 -17.19
C TYR A 95 2.43 -17.42 -15.98
N THR A 96 1.89 -18.22 -15.06
CA THR A 96 1.28 -17.67 -13.86
C THR A 96 2.37 -16.92 -13.10
N ARG A 97 2.10 -15.66 -12.75
CA ARG A 97 3.08 -14.86 -12.01
C ARG A 97 2.64 -14.67 -10.57
N ALA A 98 1.34 -14.47 -10.39
CA ALA A 98 0.81 -14.26 -9.05
C ALA A 98 -0.25 -15.29 -8.70
N VAL A 99 -0.14 -15.82 -7.49
CA VAL A 99 -1.08 -16.83 -7.00
C VAL A 99 -1.77 -16.29 -5.75
N LEU A 100 -3.08 -16.04 -5.84
CA LEU A 100 -3.83 -15.54 -4.67
C LEU A 100 -4.54 -16.71 -4.01
N SER A 101 -4.19 -16.97 -2.75
CA SER A 101 -4.79 -18.06 -1.98
C SER A 101 -5.85 -17.57 -0.99
N PHE A 102 -7.09 -18.03 -1.19
CA PHE A 102 -8.18 -17.67 -0.29
C PHE A 102 -8.55 -18.86 0.58
N ASP A 103 -9.42 -18.64 1.55
CA ASP A 103 -9.86 -19.71 2.44
C ASP A 103 -10.84 -20.59 1.65
N ASN A 104 -11.11 -21.78 2.19
CA ASN A 104 -12.03 -22.73 1.57
C ASN A 104 -11.73 -23.14 0.12
N GLU A 105 -10.47 -23.45 -0.18
CA GLU A 105 -10.10 -23.90 -1.52
C GLU A 105 -10.12 -22.89 -2.67
N LEU A 106 -10.55 -21.66 -2.42
CA LEU A 106 -10.59 -20.66 -3.49
C LEU A 106 -9.20 -20.16 -3.87
N MET A 107 -8.96 -20.07 -5.18
CA MET A 107 -7.68 -19.62 -5.71
C MET A 107 -7.88 -18.74 -6.94
N ALA A 108 -7.03 -17.72 -7.11
CA ALA A 108 -7.09 -16.84 -8.27
C ALA A 108 -5.66 -16.70 -8.79
N TYR A 109 -5.51 -16.54 -10.10
CA TYR A 109 -4.17 -16.42 -10.67
C TYR A 109 -4.09 -15.36 -11.73
N PHE A 110 -2.92 -14.74 -11.83
CA PHE A 110 -2.69 -13.73 -12.84
C PHE A 110 -1.53 -14.24 -13.69
N SER A 111 -1.76 -14.37 -15.00
CA SER A 111 -0.74 -14.82 -15.94
C SER A 111 -0.27 -13.62 -16.76
N ASP A 112 0.99 -13.63 -17.16
CA ASP A 112 1.52 -12.50 -17.93
C ASP A 112 2.85 -12.85 -18.60
N MET A 113 2.77 -13.50 -19.77
CA MET A 113 4.00 -13.89 -20.46
C MET A 113 5.01 -12.76 -20.69
N ARG A 114 4.55 -11.60 -21.14
CA ARG A 114 5.46 -10.49 -21.39
C ARG A 114 5.87 -9.68 -20.16
N ASN A 115 5.14 -9.83 -19.05
CA ASN A 115 5.49 -9.13 -17.81
C ASN A 115 5.22 -7.61 -17.79
N PHE A 116 4.23 -7.15 -18.55
CA PHE A 116 3.92 -5.72 -18.59
C PHE A 116 2.90 -5.32 -17.54
N GLY A 117 2.19 -6.29 -16.99
CA GLY A 117 1.20 -6.00 -15.98
C GLY A 117 1.89 -5.53 -14.72
N THR A 118 1.18 -4.80 -13.87
CA THR A 118 1.77 -4.29 -12.64
C THR A 118 0.91 -4.58 -11.42
N PHE A 119 1.54 -4.53 -10.25
CA PHE A 119 0.85 -4.73 -8.98
C PHE A 119 1.40 -3.73 -7.97
N LYS A 120 0.57 -3.36 -7.01
CA LYS A 120 0.94 -2.42 -5.95
C LYS A 120 -0.05 -2.60 -4.82
N PHE A 121 0.44 -2.59 -3.60
CA PHE A 121 -0.42 -2.74 -2.42
C PHE A 121 -0.33 -1.48 -1.59
N SER A 122 -1.49 -0.98 -1.17
CA SER A 122 -1.55 0.24 -0.38
C SER A 122 -2.71 0.26 0.60
N ASN A 123 -2.51 0.86 1.76
CA ASN A 123 -3.54 0.96 2.77
C ASN A 123 -4.07 2.39 2.85
N SER A 124 -4.02 3.10 1.73
CA SER A 124 -4.49 4.49 1.71
C SER A 124 -5.56 4.79 0.69
N GLU A 125 -6.74 5.18 1.16
CA GLU A 125 -7.82 5.53 0.25
C GLU A 125 -7.43 6.79 -0.51
N LYS A 126 -6.74 7.70 0.16
CA LYS A 126 -6.32 8.96 -0.47
C LYS A 126 -5.47 8.71 -1.71
N GLU A 127 -4.49 7.84 -1.59
CA GLU A 127 -3.64 7.52 -2.73
C GLU A 127 -4.48 6.89 -3.84
N LEU A 128 -5.47 6.09 -3.46
CA LEU A 128 -6.33 5.47 -4.45
C LEU A 128 -7.13 6.54 -5.19
N LYS A 129 -7.59 7.55 -4.45
CA LYS A 129 -8.35 8.62 -5.06
C LYS A 129 -7.46 9.45 -5.96
N ARG A 130 -6.22 9.63 -5.53
CA ARG A 130 -5.22 10.37 -6.27
C ARG A 130 -4.99 9.64 -7.61
N LYS A 131 -4.83 8.32 -7.53
CA LYS A 131 -4.60 7.49 -8.70
C LYS A 131 -5.79 7.56 -9.67
N LEU A 132 -7.00 7.52 -9.13
CA LEU A 132 -8.19 7.57 -9.97
C LEU A 132 -8.36 8.92 -10.68
N ASN A 133 -7.70 9.97 -10.18
CA ASN A 133 -7.77 11.28 -10.82
C ASN A 133 -6.90 11.31 -12.05
N GLU A 134 -6.03 10.33 -12.18
CA GLU A 134 -5.14 10.24 -13.34
C GLU A 134 -5.91 9.72 -14.56
N LEU A 135 -7.11 9.17 -14.31
CA LEU A 135 -7.92 8.61 -15.38
C LEU A 135 -9.20 9.42 -15.68
N GLY A 136 -9.58 9.47 -16.95
CA GLY A 136 -10.78 10.19 -17.30
C GLY A 136 -11.99 9.28 -17.15
N PRO A 137 -13.21 9.79 -17.40
CA PRO A 137 -14.43 8.98 -17.26
C PRO A 137 -14.29 7.62 -17.97
N ASP A 138 -14.87 6.58 -17.37
CA ASP A 138 -14.81 5.25 -17.95
C ASP A 138 -15.73 5.18 -19.17
N PHE A 139 -15.15 5.16 -20.37
CA PHE A 139 -15.93 5.10 -21.61
C PHE A 139 -16.98 4.00 -21.67
N LEU A 140 -16.78 2.92 -20.92
CA LEU A 140 -17.74 1.83 -20.94
C LEU A 140 -18.81 2.00 -19.86
N LYS A 141 -18.36 2.36 -18.67
CA LYS A 141 -19.24 2.51 -17.52
C LYS A 141 -19.95 3.84 -17.32
N ASN A 142 -19.40 4.92 -17.86
CA ASN A 142 -20.02 6.22 -17.72
C ASN A 142 -20.95 6.45 -18.93
N ASP A 143 -22.25 6.58 -18.67
CA ASP A 143 -23.21 6.79 -19.75
C ASP A 143 -23.51 8.24 -20.07
N ASP A 144 -22.95 9.16 -19.29
CA ASP A 144 -23.18 10.58 -19.51
C ASP A 144 -21.87 11.36 -19.63
N ILE A 145 -21.02 10.95 -20.56
CA ILE A 145 -19.75 11.62 -20.75
C ILE A 145 -19.84 12.71 -21.82
N ASP A 146 -19.26 13.87 -21.53
CA ASP A 146 -19.27 14.97 -22.49
C ASP A 146 -17.92 14.98 -23.21
N ILE A 147 -17.92 14.61 -24.49
CA ILE A 147 -16.68 14.58 -25.23
C ILE A 147 -16.41 15.83 -26.08
N SER A 148 -17.10 16.91 -25.76
CA SER A 148 -16.92 18.16 -26.50
C SER A 148 -15.53 18.73 -26.24
N LYS A 149 -14.88 18.23 -25.19
CA LYS A 149 -13.53 18.68 -24.84
C LYS A 149 -12.59 18.33 -25.99
N ILE A 150 -13.05 17.44 -26.88
CA ILE A 150 -12.28 17.01 -28.03
C ILE A 150 -11.91 18.19 -28.94
N LYS A 151 -12.78 19.20 -28.99
CA LYS A 151 -12.53 20.35 -29.83
C LYS A 151 -11.34 21.21 -29.39
N LYS A 152 -11.12 21.28 -28.07
CA LYS A 152 -10.03 22.08 -27.53
C LYS A 152 -8.63 21.54 -27.81
N TYR A 153 -8.53 20.41 -28.51
CA TYR A 153 -7.22 19.80 -28.82
C TYR A 153 -6.91 19.74 -30.32
N LYS A 154 -5.77 20.30 -30.70
CA LYS A 154 -5.35 20.27 -32.11
C LYS A 154 -4.43 19.07 -32.33
N GLN A 155 -4.90 17.88 -31.96
CA GLN A 155 -4.11 16.67 -32.12
C GLN A 155 -4.94 15.60 -32.79
N PRO A 156 -4.27 14.63 -33.44
CA PRO A 156 -5.00 13.54 -34.12
C PRO A 156 -6.02 12.93 -33.17
N ILE A 157 -7.22 12.65 -33.65
CA ILE A 157 -8.23 12.09 -32.78
C ILE A 157 -7.84 10.72 -32.24
N VAL A 158 -7.03 9.99 -32.99
CA VAL A 158 -6.60 8.67 -32.56
C VAL A 158 -5.79 8.77 -31.27
N ALA A 159 -5.00 9.84 -31.16
CA ALA A 159 -4.18 10.06 -29.98
C ALA A 159 -5.04 10.46 -28.79
N LEU A 160 -6.07 11.25 -29.06
CA LEU A 160 -6.96 11.70 -28.01
C LEU A 160 -7.78 10.56 -27.40
N LEU A 161 -8.19 9.61 -28.23
CA LEU A 161 -8.98 8.47 -27.75
C LEU A 161 -8.09 7.39 -27.12
N MET A 162 -6.83 7.33 -27.55
CA MET A 162 -5.88 6.36 -27.00
C MET A 162 -5.41 6.84 -25.62
N ASP A 163 -5.42 8.16 -25.42
CA ASP A 163 -5.03 8.74 -24.14
C ASP A 163 -6.08 8.30 -23.11
N GLN A 164 -5.66 8.07 -21.88
CA GLN A 164 -6.58 7.62 -20.84
C GLN A 164 -7.07 8.73 -19.92
N LYS A 165 -6.62 9.96 -20.15
CA LYS A 165 -7.03 11.05 -19.29
C LYS A 165 -7.79 12.20 -19.97
N LYS A 166 -7.26 12.70 -21.07
CA LYS A 166 -7.87 13.83 -21.77
C LYS A 166 -9.39 13.78 -21.99
N ILE A 167 -9.90 12.70 -22.59
CA ILE A 167 -11.34 12.60 -22.82
C ILE A 167 -11.99 11.50 -21.99
N GLY A 168 -11.40 10.30 -22.01
CA GLY A 168 -11.96 9.21 -21.23
C GLY A 168 -10.99 8.04 -21.12
N SER A 169 -11.34 7.03 -20.33
CA SER A 169 -10.46 5.88 -20.13
C SER A 169 -11.08 4.55 -20.56
N GLY A 170 -10.22 3.61 -20.96
CA GLY A 170 -10.70 2.29 -21.36
C GLY A 170 -10.42 1.93 -22.81
N LEU A 171 -10.29 2.92 -23.67
CA LEU A 171 -10.04 2.66 -25.09
C LEU A 171 -8.60 2.25 -25.38
N GLY A 172 -8.46 1.17 -26.14
CA GLY A 172 -7.14 0.69 -26.50
C GLY A 172 -6.95 0.75 -28.01
N ASN A 173 -5.90 0.09 -28.48
CA ASN A 173 -5.56 0.06 -29.89
C ASN A 173 -6.62 -0.56 -30.81
N TYR A 174 -7.32 -1.61 -30.34
CA TYR A 174 -8.34 -2.22 -31.19
C TYR A 174 -9.68 -1.48 -31.11
N LEU A 175 -10.04 -1.01 -29.93
CA LEU A 175 -11.30 -0.29 -29.78
C LEU A 175 -11.25 1.03 -30.55
N VAL A 176 -10.17 1.77 -30.43
CA VAL A 176 -10.04 3.04 -31.14
C VAL A 176 -10.09 2.84 -32.65
N ALA A 177 -9.48 1.76 -33.13
CA ALA A 177 -9.49 1.48 -34.56
C ALA A 177 -10.90 1.13 -35.04
N GLU A 178 -11.57 0.25 -34.30
CA GLU A 178 -12.92 -0.18 -34.67
C GLU A 178 -13.92 0.99 -34.55
N ILE A 179 -13.75 1.82 -33.53
CA ILE A 179 -14.64 2.95 -33.32
C ILE A 179 -14.47 4.04 -34.39
N LEU A 180 -13.23 4.35 -34.75
CA LEU A 180 -12.99 5.36 -35.77
C LEU A 180 -13.45 4.88 -37.15
N TYR A 181 -13.49 3.56 -37.35
CA TYR A 181 -13.95 3.02 -38.62
C TYR A 181 -15.48 3.17 -38.73
N ARG A 182 -16.17 2.82 -37.66
CA ARG A 182 -17.63 2.93 -37.62
C ARG A 182 -18.06 4.38 -37.82
N ALA A 183 -17.30 5.31 -37.24
CA ALA A 183 -17.62 6.73 -37.36
C ALA A 183 -17.05 7.35 -38.63
N LYS A 184 -16.45 6.51 -39.48
CA LYS A 184 -15.87 6.95 -40.75
C LYS A 184 -14.93 8.14 -40.62
N ILE A 185 -14.18 8.21 -39.52
CA ILE A 185 -13.26 9.32 -39.30
C ILE A 185 -11.79 8.93 -39.46
N ASP A 186 -11.07 9.68 -40.28
CA ASP A 186 -9.65 9.43 -40.51
C ASP A 186 -8.89 9.66 -39.20
N PRO A 187 -8.06 8.68 -38.80
CA PRO A 187 -7.26 8.72 -37.57
C PRO A 187 -6.48 10.01 -37.35
N HIS A 188 -5.98 10.59 -38.44
CA HIS A 188 -5.19 11.80 -38.38
C HIS A 188 -5.97 13.08 -38.16
N LYS A 189 -7.28 13.04 -38.33
CA LYS A 189 -8.08 14.25 -38.17
C LYS A 189 -7.89 14.84 -36.78
N LEU A 190 -7.57 16.13 -36.74
CA LEU A 190 -7.37 16.82 -35.47
C LEU A 190 -8.69 16.97 -34.75
N GLY A 191 -8.63 16.88 -33.42
CA GLY A 191 -9.84 17.00 -32.63
C GLY A 191 -10.56 18.31 -32.92
N SER A 192 -9.81 19.40 -32.85
CA SER A 192 -10.35 20.74 -33.09
C SER A 192 -11.04 20.92 -34.46
N ASN A 193 -10.85 19.97 -35.37
CA ASN A 193 -11.46 20.08 -36.69
C ASN A 193 -12.71 19.22 -36.89
N LEU A 194 -13.14 18.51 -35.86
CA LEU A 194 -14.34 17.69 -35.98
C LEU A 194 -15.56 18.57 -35.81
N THR A 195 -16.63 18.22 -36.50
CA THR A 195 -17.87 18.98 -36.43
C THR A 195 -18.69 18.50 -35.23
N ASP A 196 -19.55 19.36 -34.69
CA ASP A 196 -20.37 18.99 -33.55
C ASP A 196 -21.14 17.71 -33.87
N GLN A 197 -21.54 17.57 -35.12
CA GLN A 197 -22.28 16.40 -35.56
C GLN A 197 -21.41 15.15 -35.42
N GLU A 198 -20.19 15.21 -35.92
CA GLU A 198 -19.25 14.10 -35.84
C GLU A 198 -19.00 13.72 -34.38
N ILE A 199 -18.96 14.72 -33.52
CA ILE A 199 -18.74 14.50 -32.10
C ILE A 199 -19.86 13.61 -31.59
N GLU A 200 -21.09 14.00 -31.90
CA GLU A 200 -22.27 13.26 -31.50
C GLU A 200 -22.19 11.84 -32.05
N ASN A 201 -21.84 11.74 -33.33
CA ASN A 201 -21.73 10.45 -33.99
C ASN A 201 -20.64 9.58 -33.35
N LEU A 202 -19.51 10.21 -33.00
CA LEU A 202 -18.41 9.49 -32.38
C LEU A 202 -18.86 8.95 -31.03
N TRP A 203 -19.47 9.82 -30.22
CA TRP A 203 -19.94 9.43 -28.90
C TRP A 203 -20.80 8.18 -29.01
N TYR A 204 -21.70 8.19 -30.00
CA TYR A 204 -22.58 7.05 -30.20
C TYR A 204 -21.80 5.74 -30.41
N TRP A 205 -20.81 5.78 -31.29
CA TRP A 205 -20.03 4.59 -31.60
C TRP A 205 -19.09 4.11 -30.49
N ILE A 206 -18.69 5.01 -29.61
CA ILE A 206 -17.83 4.62 -28.51
C ILE A 206 -18.69 3.76 -27.58
N LYS A 207 -19.90 4.24 -27.30
CA LYS A 207 -20.81 3.51 -26.44
C LYS A 207 -21.16 2.19 -27.10
N TYR A 208 -21.39 2.23 -28.41
CA TYR A 208 -21.73 1.06 -29.19
C TYR A 208 -20.65 -0.02 -29.10
N GLU A 209 -19.44 0.34 -29.48
CA GLU A 209 -18.32 -0.60 -29.49
C GLU A 209 -17.92 -1.15 -28.12
N THR A 210 -17.86 -0.28 -27.11
CA THR A 210 -17.48 -0.73 -25.79
C THR A 210 -18.51 -1.74 -25.27
N LYS A 211 -19.78 -1.46 -25.53
CA LYS A 211 -20.87 -2.34 -25.10
C LYS A 211 -20.80 -3.66 -25.85
N LEU A 212 -20.50 -3.62 -27.14
CA LEU A 212 -20.41 -4.83 -27.94
C LEU A 212 -19.23 -5.66 -27.40
N ALA A 213 -18.10 -4.99 -27.20
CA ALA A 213 -16.90 -5.65 -26.68
C ALA A 213 -17.19 -6.32 -25.32
N TYR A 214 -17.74 -5.54 -24.40
CA TYR A 214 -18.08 -6.02 -23.06
C TYR A 214 -19.05 -7.21 -23.05
N ASP A 215 -20.02 -7.21 -23.97
CA ASP A 215 -21.00 -8.30 -24.02
C ASP A 215 -20.47 -9.57 -24.67
N SER A 216 -19.31 -9.47 -25.32
CA SER A 216 -18.71 -10.63 -25.99
C SER A 216 -18.20 -11.69 -25.04
N ASN A 217 -17.94 -12.89 -25.57
CA ASN A 217 -17.46 -14.00 -24.77
C ASN A 217 -16.06 -14.48 -25.15
N HIS A 218 -15.59 -14.15 -26.35
CA HIS A 218 -14.27 -14.59 -26.75
C HIS A 218 -13.55 -13.69 -27.77
N ILE A 219 -13.25 -12.45 -27.37
CA ILE A 219 -12.54 -11.54 -28.24
C ILE A 219 -11.10 -12.02 -28.39
N GLY A 220 -10.63 -12.79 -27.40
CA GLY A 220 -9.28 -13.32 -27.47
C GLY A 220 -8.22 -12.85 -26.48
N TYR A 221 -8.44 -11.72 -25.82
CA TYR A 221 -7.44 -11.21 -24.89
C TYR A 221 -7.60 -11.64 -23.42
N MET A 222 -8.60 -12.48 -23.13
CA MET A 222 -8.79 -12.98 -21.77
C MET A 222 -9.27 -14.43 -21.89
N VAL A 223 -8.54 -15.17 -22.71
CA VAL A 223 -8.84 -16.57 -22.99
C VAL A 223 -8.92 -17.44 -21.74
N ASN A 224 -8.18 -17.09 -20.69
CA ASN A 224 -8.21 -17.88 -19.47
C ASN A 224 -9.52 -17.72 -18.68
N LEU A 225 -10.42 -16.89 -19.18
CA LEU A 225 -11.71 -16.68 -18.52
C LEU A 225 -12.88 -16.89 -19.47
N GLU A 226 -12.58 -17.45 -20.64
CA GLU A 226 -13.61 -17.70 -21.65
C GLU A 226 -14.71 -18.65 -21.19
N ASN A 227 -14.35 -19.67 -20.42
CA ASN A 227 -15.34 -20.61 -19.90
C ASN A 227 -16.29 -19.89 -18.95
N GLU A 228 -15.72 -19.06 -18.07
CA GLU A 228 -16.49 -18.30 -17.10
C GLU A 228 -17.19 -17.10 -17.71
N SER A 229 -16.62 -16.55 -18.77
CA SER A 229 -17.21 -15.39 -19.45
C SER A 229 -18.65 -15.67 -19.86
N SER A 230 -18.90 -16.88 -20.37
CA SER A 230 -20.25 -17.24 -20.80
C SER A 230 -21.12 -17.80 -19.69
N LYS A 231 -20.53 -17.99 -18.51
CA LYS A 231 -21.28 -18.51 -17.37
C LYS A 231 -21.65 -17.42 -16.38
N ILE A 232 -21.59 -16.17 -16.84
CA ILE A 232 -21.94 -15.01 -16.02
C ILE A 232 -22.60 -13.97 -16.93
N GLY A 233 -23.48 -13.17 -16.35
CA GLY A 233 -24.16 -12.13 -17.12
C GLY A 233 -23.34 -10.89 -17.35
N ARG A 234 -24.00 -9.82 -17.80
CA ARG A 234 -23.34 -8.55 -18.09
C ARG A 234 -24.13 -7.41 -17.48
N LYS A 235 -23.42 -6.42 -16.94
CA LYS A 235 -24.10 -5.27 -16.37
C LYS A 235 -24.66 -4.49 -17.53
N ASN A 236 -25.62 -3.61 -17.24
CA ASN A 236 -26.27 -2.84 -18.29
C ASN A 236 -25.68 -1.47 -18.59
N TYR A 237 -24.45 -1.44 -19.10
CA TYR A 237 -23.81 -0.18 -19.44
C TYR A 237 -24.40 0.31 -20.77
N HIS A 238 -24.40 1.63 -20.99
CA HIS A 238 -24.96 2.20 -22.21
C HIS A 238 -26.27 1.48 -22.57
N PRO A 239 -27.29 1.65 -21.71
CA PRO A 239 -28.63 1.06 -21.81
C PRO A 239 -29.43 1.36 -23.08
N ASN A 240 -29.28 2.56 -23.60
CA ASN A 240 -30.02 2.96 -24.79
C ASN A 240 -29.37 2.65 -26.14
N ILE A 241 -28.24 1.96 -26.11
CA ILE A 241 -27.53 1.58 -27.33
C ILE A 241 -27.72 0.08 -27.46
N HIS A 242 -28.09 -0.37 -28.65
CA HIS A 242 -28.35 -1.80 -28.85
C HIS A 242 -27.64 -2.43 -30.02
N PRO A 243 -26.40 -2.89 -29.82
CA PRO A 243 -25.65 -3.52 -30.89
C PRO A 243 -26.41 -4.71 -31.47
N THR A 244 -26.40 -4.83 -32.80
CA THR A 244 -27.09 -5.91 -33.48
C THR A 244 -26.33 -7.23 -33.52
N GLU A 245 -25.00 -7.16 -33.61
CA GLU A 245 -24.21 -8.37 -33.66
C GLU A 245 -24.15 -9.11 -32.33
N LYS A 246 -24.11 -10.44 -32.42
CA LYS A 246 -24.08 -11.31 -31.25
C LYS A 246 -22.70 -11.39 -30.60
N GLU A 247 -21.67 -11.08 -31.36
CA GLU A 247 -20.30 -11.14 -30.86
C GLU A 247 -19.46 -10.05 -31.52
N PHE A 248 -18.45 -9.56 -30.81
CA PHE A 248 -17.58 -8.51 -31.34
C PHE A 248 -16.67 -9.08 -32.43
N ASP A 249 -16.64 -8.42 -33.58
CA ASP A 249 -15.80 -8.85 -34.70
C ASP A 249 -14.96 -7.69 -35.22
N PHE A 250 -13.68 -7.96 -35.45
CA PHE A 250 -12.77 -6.93 -35.95
C PHE A 250 -13.10 -6.61 -37.39
N LEU A 251 -13.43 -5.35 -37.65
CA LEU A 251 -13.75 -4.93 -39.02
C LEU A 251 -12.49 -4.46 -39.74
N VAL A 252 -11.54 -3.93 -38.98
CA VAL A 252 -10.30 -3.46 -39.58
C VAL A 252 -9.06 -3.76 -38.74
N TYR A 253 -9.26 -3.96 -37.43
CA TYR A 253 -8.15 -4.25 -36.55
C TYR A 253 -7.39 -5.50 -37.02
N ARG A 254 -6.17 -5.30 -37.48
CA ARG A 254 -5.31 -6.38 -37.95
C ARG A 254 -5.89 -7.15 -39.14
N LYS A 255 -6.64 -6.45 -39.98
CA LYS A 255 -7.23 -7.05 -41.18
C LYS A 255 -6.56 -6.38 -42.36
N LYS A 256 -6.48 -7.08 -43.49
CA LYS A 256 -5.84 -6.49 -44.66
C LYS A 256 -6.87 -5.69 -45.44
N LYS A 257 -8.14 -6.06 -45.28
CA LYS A 257 -9.23 -5.37 -45.96
C LYS A 257 -10.47 -5.35 -45.07
N ASP A 258 -11.30 -4.33 -45.24
CA ASP A 258 -12.52 -4.19 -44.45
C ASP A 258 -13.62 -5.09 -45.02
N PRO A 259 -14.79 -5.15 -44.36
CA PRO A 259 -15.89 -5.99 -44.81
C PRO A 259 -16.19 -5.90 -46.31
N ASN A 260 -16.35 -4.68 -46.81
CA ASN A 260 -16.64 -4.47 -48.22
C ASN A 260 -15.53 -4.99 -49.12
N GLY A 261 -14.31 -4.51 -48.90
CA GLY A 261 -13.19 -4.96 -49.71
C GLY A 261 -12.07 -3.94 -49.70
N ASN A 262 -12.39 -2.73 -49.24
CA ASN A 262 -11.43 -1.63 -49.16
C ASN A 262 -10.18 -2.08 -48.40
N LYS A 263 -9.04 -1.48 -48.73
CA LYS A 263 -7.79 -1.83 -48.09
C LYS A 263 -7.62 -1.16 -46.73
N VAL A 264 -6.97 -1.87 -45.81
CA VAL A 264 -6.73 -1.36 -44.46
C VAL A 264 -5.24 -1.04 -44.28
N ILE A 265 -4.94 0.19 -43.88
CA ILE A 265 -3.57 0.60 -43.67
C ILE A 265 -3.09 0.34 -42.24
N ALA A 266 -2.03 -0.44 -42.10
CA ALA A 266 -1.46 -0.71 -40.78
C ALA A 266 -0.54 0.48 -40.50
N ASP A 267 -1.16 1.59 -40.12
CA ASP A 267 -0.46 2.84 -39.87
C ASP A 267 0.00 3.04 -38.42
N LYS A 268 1.29 3.37 -38.26
CA LYS A 268 1.87 3.61 -36.94
C LYS A 268 1.91 5.10 -36.68
N ILE A 269 0.84 5.60 -36.07
CA ILE A 269 0.69 7.02 -35.80
C ILE A 269 1.17 7.51 -34.43
N ILE A 270 0.70 6.91 -33.36
CA ILE A 270 1.09 7.37 -32.03
C ILE A 270 2.09 6.51 -31.25
N GLY A 271 2.72 7.13 -30.26
CA GLY A 271 3.68 6.42 -29.43
C GLY A 271 5.12 6.42 -29.89
N SER A 272 6.02 6.20 -28.92
CA SER A 272 7.45 6.14 -29.20
C SER A 272 7.96 4.89 -28.49
N GLY A 273 8.94 4.22 -29.09
CA GLY A 273 9.50 3.02 -28.49
C GLY A 273 8.44 2.00 -28.09
N LYS A 274 8.53 1.51 -26.85
CA LYS A 274 7.61 0.52 -26.31
C LYS A 274 6.14 0.98 -26.29
N ASN A 275 5.92 2.28 -26.49
CA ASN A 275 4.59 2.84 -26.47
C ASN A 275 3.97 2.97 -27.86
N LYS A 276 4.77 2.70 -28.89
CA LYS A 276 4.29 2.80 -30.27
C LYS A 276 3.25 1.73 -30.57
N ARG A 277 2.18 2.14 -31.25
CA ARG A 277 1.10 1.23 -31.60
C ARG A 277 0.70 1.36 -33.07
N THR A 278 0.13 0.29 -33.61
CA THR A 278 -0.30 0.28 -34.99
C THR A 278 -1.81 0.50 -35.11
N THR A 279 -2.19 1.57 -35.78
CA THR A 279 -3.60 1.90 -35.98
C THR A 279 -4.04 1.36 -37.33
N TYR A 280 -5.13 0.61 -37.35
CA TYR A 280 -5.65 0.06 -38.59
C TYR A 280 -6.84 0.91 -39.06
N TRP A 281 -6.86 1.26 -40.34
CA TRP A 281 -7.94 2.06 -40.88
C TRP A 281 -8.04 1.97 -42.40
N ALA A 282 -9.26 2.12 -42.92
CA ALA A 282 -9.51 2.05 -44.36
C ALA A 282 -9.77 3.45 -44.93
N PRO A 283 -8.77 4.00 -45.65
CA PRO A 283 -8.87 5.33 -46.26
C PRO A 283 -10.13 5.52 -47.10
N ALA A 284 -10.68 4.41 -47.59
CA ALA A 284 -11.87 4.49 -48.41
C ALA A 284 -13.06 4.97 -47.59
N ILE A 285 -13.16 4.53 -46.34
CA ILE A 285 -14.26 4.93 -45.48
C ILE A 285 -13.95 6.11 -44.55
N GLN A 286 -12.77 6.10 -43.95
CA GLN A 286 -12.40 7.18 -43.03
C GLN A 286 -11.71 8.35 -43.72
N LYS A 287 -12.39 9.48 -43.76
CA LYS A 287 -11.87 10.68 -44.43
C LYS A 287 -11.57 11.80 -43.44
N LEU A 288 -10.66 12.69 -43.82
CA LEU A 288 -10.32 13.85 -43.00
C LEU A 288 -11.43 14.85 -43.22
N GLU A 289 -12.19 14.59 -44.28
CA GLU A 289 -13.32 15.43 -44.68
C GLU A 289 -12.89 16.89 -44.75
N PRO B 2 9.15 8.34 16.02
CA PRO B 2 9.68 7.71 17.27
C PRO B 2 9.93 6.22 17.12
N GLU B 3 10.97 5.74 17.78
CA GLU B 3 11.34 4.33 17.71
C GLU B 3 11.24 3.63 19.07
N GLY B 4 11.63 2.36 19.10
CA GLY B 4 11.57 1.57 20.33
C GLY B 4 11.90 2.33 21.60
N PRO B 5 13.06 3.00 21.64
CA PRO B 5 13.46 3.77 22.83
C PRO B 5 12.43 4.78 23.32
N GLU B 6 11.91 5.60 22.40
CA GLU B 6 10.93 6.60 22.77
C GLU B 6 9.65 5.98 23.27
N VAL B 7 9.19 4.93 22.58
CA VAL B 7 7.95 4.25 22.93
C VAL B 7 8.02 3.63 24.32
N ALA B 8 9.16 3.04 24.66
CA ALA B 8 9.32 2.42 25.96
C ALA B 8 9.37 3.49 27.07
N LEU B 9 10.06 4.59 26.79
CA LEU B 9 10.19 5.66 27.76
C LEU B 9 8.83 6.33 27.99
N THR B 10 8.10 6.51 26.91
CA THR B 10 6.77 7.12 26.99
C THR B 10 5.86 6.26 27.85
N ALA B 11 5.95 4.95 27.71
CA ALA B 11 5.13 4.05 28.50
C ALA B 11 5.46 4.14 29.99
N ASP B 12 6.74 4.16 30.33
CA ASP B 12 7.15 4.25 31.74
C ASP B 12 6.57 5.52 32.38
N ILE B 13 6.65 6.64 31.66
CA ILE B 13 6.12 7.89 32.17
C ILE B 13 4.62 7.74 32.34
N LEU B 14 3.97 7.10 31.38
CA LEU B 14 2.53 6.90 31.45
C LEU B 14 2.16 6.00 32.63
N GLU B 15 3.01 5.03 32.94
CA GLU B 15 2.74 4.16 34.09
C GLU B 15 2.91 4.94 35.39
N LYS B 16 3.96 5.75 35.45
CA LYS B 16 4.24 6.57 36.62
C LYS B 16 3.05 7.42 37.03
N TYR B 17 2.36 7.97 36.03
CA TYR B 17 1.22 8.84 36.27
C TYR B 17 -0.15 8.20 36.22
N PHE B 18 -0.31 7.12 35.47
CA PHE B 18 -1.64 6.52 35.33
C PHE B 18 -1.85 5.08 35.78
N LYS B 19 -0.77 4.36 36.05
CA LYS B 19 -0.92 2.98 36.51
C LYS B 19 -1.68 2.98 37.84
N GLY B 20 -2.67 2.10 37.94
CA GLY B 20 -3.46 2.01 39.16
C GLY B 20 -4.59 3.02 39.22
N LYS B 21 -4.65 3.93 38.25
CA LYS B 21 -5.69 4.96 38.20
C LYS B 21 -6.90 4.48 37.41
N THR B 22 -8.06 5.07 37.72
CA THR B 22 -9.32 4.71 37.07
C THR B 22 -9.61 5.57 35.83
N LEU B 23 -9.64 4.94 34.66
CA LEU B 23 -9.93 5.64 33.42
C LEU B 23 -11.45 5.76 33.30
N GLU B 24 -11.95 6.97 33.11
CA GLU B 24 -13.40 7.16 33.01
C GLU B 24 -13.92 7.40 31.60
N TYR B 25 -13.11 7.99 30.74
CA TYR B 25 -13.58 8.27 29.38
C TYR B 25 -12.44 8.59 28.42
N ILE B 26 -12.72 8.41 27.13
CA ILE B 26 -11.74 8.71 26.09
C ILE B 26 -12.48 9.47 25.00
N ASP B 27 -11.95 10.63 24.64
CA ASP B 27 -12.57 11.43 23.60
C ASP B 27 -11.63 11.59 22.43
N PHE B 28 -12.16 11.39 21.23
CA PHE B 28 -11.37 11.59 20.03
C PHE B 28 -11.94 12.88 19.48
N ILE B 29 -11.34 14.00 19.89
CA ILE B 29 -11.79 15.32 19.52
C ILE B 29 -11.45 15.81 18.13
N SER B 30 -10.44 15.24 17.50
CA SER B 30 -10.10 15.65 16.14
C SER B 30 -9.31 14.55 15.45
N GLY B 31 -8.93 14.81 14.21
CA GLY B 31 -8.15 13.83 13.49
C GLY B 31 -8.95 12.72 12.84
N ARG B 32 -8.25 11.65 12.49
CA ARG B 32 -8.87 10.55 11.80
C ARG B 32 -9.97 9.81 12.51
N TYR B 33 -9.95 9.74 13.84
CA TYR B 33 -10.99 9.01 14.56
C TYR B 33 -12.15 9.84 15.13
N SER B 34 -12.12 11.16 14.92
CA SER B 34 -13.18 12.00 15.46
C SER B 34 -14.55 11.65 14.90
N LYS B 35 -14.61 11.29 13.63
CA LYS B 35 -15.89 10.92 13.04
C LYS B 35 -16.13 9.42 13.15
N SER B 36 -15.13 8.63 12.75
CA SER B 36 -15.22 7.18 12.83
C SER B 36 -14.24 6.71 13.90
N GLU B 37 -14.77 6.44 15.09
CA GLU B 37 -13.92 6.01 16.20
C GLU B 37 -13.19 4.69 15.92
N PRO B 38 -12.20 4.37 16.76
CA PRO B 38 -11.44 3.14 16.56
C PRO B 38 -12.25 1.86 16.76
N GLU B 39 -11.70 0.76 16.25
CA GLU B 39 -12.31 -0.56 16.41
C GLU B 39 -12.56 -0.78 17.89
N GLY B 40 -13.76 -1.23 18.25
CA GLY B 40 -14.10 -1.50 19.63
C GLY B 40 -14.36 -0.32 20.55
N TYR B 41 -14.33 0.90 20.01
CA TYR B 41 -14.56 2.10 20.81
C TYR B 41 -15.86 2.08 21.61
N ASP B 42 -16.95 1.75 20.96
CA ASP B 42 -18.25 1.72 21.61
C ASP B 42 -18.35 0.74 22.77
N ASP B 43 -17.89 -0.50 22.58
CA ASP B 43 -17.96 -1.48 23.67
C ASP B 43 -17.03 -1.06 24.81
N PHE B 44 -15.89 -0.49 24.47
CA PHE B 44 -14.93 -0.05 25.47
C PHE B 44 -15.55 1.04 26.36
N ILE B 45 -16.09 2.08 25.74
CA ILE B 45 -16.74 3.15 26.48
C ILE B 45 -17.82 2.57 27.38
N ALA B 46 -18.58 1.61 26.87
CA ALA B 46 -19.65 0.99 27.65
C ALA B 46 -19.10 0.26 28.86
N ASN B 47 -17.87 -0.21 28.77
CA ASN B 47 -17.26 -0.90 29.89
C ASN B 47 -16.52 0.02 30.87
N LEU B 48 -16.32 1.28 30.50
CA LEU B 48 -15.66 2.21 31.41
C LEU B 48 -16.64 2.56 32.53
N PRO B 49 -16.14 2.92 33.71
CA PRO B 49 -14.73 3.04 34.08
C PRO B 49 -14.00 1.73 34.40
N LEU B 50 -12.69 1.74 34.20
CA LEU B 50 -11.82 0.59 34.46
C LEU B 50 -10.52 1.11 35.06
N LYS B 51 -9.78 0.26 35.76
CA LYS B 51 -8.52 0.69 36.34
C LYS B 51 -7.37 0.20 35.45
N VAL B 52 -6.31 1.01 35.35
CA VAL B 52 -5.16 0.65 34.53
C VAL B 52 -4.22 -0.29 35.29
N SER B 53 -3.97 -1.46 34.71
CA SER B 53 -3.06 -2.45 35.30
C SER B 53 -1.63 -2.12 34.94
N ASN B 54 -1.39 -1.90 33.65
CA ASN B 54 -0.07 -1.57 33.15
C ASN B 54 -0.13 -0.78 31.84
N VAL B 55 1.01 -0.24 31.47
CA VAL B 55 1.20 0.48 30.23
C VAL B 55 2.50 -0.17 29.75
N ASP B 56 2.38 -1.09 28.80
CA ASP B 56 3.51 -1.86 28.31
C ASP B 56 3.82 -1.64 26.83
N THR B 57 4.97 -2.13 26.40
CA THR B 57 5.37 -2.01 25.00
C THR B 57 6.20 -3.20 24.55
N LYS B 58 6.30 -3.36 23.24
CA LYS B 58 7.10 -4.40 22.64
C LYS B 58 7.48 -3.74 21.33
N GLY B 59 8.75 -3.40 21.19
CA GLY B 59 9.18 -2.73 19.97
C GLY B 59 8.53 -1.36 19.95
N LYS B 60 7.85 -1.05 18.84
CA LYS B 60 7.20 0.25 18.69
C LYS B 60 5.72 0.17 19.06
N PHE B 61 5.27 -0.99 19.54
CA PHE B 61 3.88 -1.20 19.91
C PHE B 61 3.65 -0.94 21.41
N LEU B 62 2.68 -0.07 21.71
CA LEU B 62 2.36 0.27 23.09
C LEU B 62 0.93 -0.08 23.39
N TRP B 63 0.67 -0.61 24.57
CA TRP B 63 -0.71 -0.91 24.93
C TRP B 63 -0.99 -0.62 26.39
N PHE B 64 -2.26 -0.38 26.69
CA PHE B 64 -2.70 -0.14 28.05
C PHE B 64 -3.48 -1.40 28.42
N GLU B 65 -3.27 -1.92 29.62
CA GLU B 65 -4.06 -3.05 30.04
C GLU B 65 -4.94 -2.54 31.17
N LEU B 66 -6.25 -2.78 31.07
CA LEU B 66 -7.16 -2.35 32.11
C LEU B 66 -7.97 -3.54 32.57
N PHE B 67 -8.59 -3.42 33.75
CA PHE B 67 -9.41 -4.51 34.26
C PHE B 67 -10.61 -3.93 34.98
N ASP B 68 -11.62 -4.77 35.19
CA ASP B 68 -12.83 -4.38 35.87
C ASP B 68 -12.66 -4.71 37.35
N PRO B 69 -12.81 -3.72 38.22
CA PRO B 69 -12.66 -3.95 39.66
C PRO B 69 -13.54 -5.10 40.15
N ASN B 70 -14.61 -5.36 39.42
CA ASN B 70 -15.54 -6.42 39.77
C ASN B 70 -15.18 -7.71 39.01
N ASP B 71 -15.53 -7.72 37.72
CA ASP B 71 -15.26 -8.88 36.88
C ASP B 71 -13.80 -8.94 36.47
N LYS B 72 -13.03 -9.74 37.19
CA LYS B 72 -11.60 -9.87 36.91
C LYS B 72 -11.31 -10.65 35.64
N SER B 73 -12.35 -11.12 34.96
CA SER B 73 -12.14 -11.86 33.74
C SER B 73 -12.30 -10.91 32.56
N ASN B 74 -12.95 -9.78 32.82
CA ASN B 74 -13.18 -8.77 31.79
C ASN B 74 -11.93 -7.92 31.62
N LYS B 75 -11.06 -8.33 30.72
CA LYS B 75 -9.82 -7.61 30.47
C LYS B 75 -9.88 -6.80 29.19
N TRP B 76 -9.47 -5.53 29.27
CA TRP B 76 -9.45 -4.66 28.09
C TRP B 76 -8.05 -4.13 27.83
N TYR B 77 -7.78 -3.86 26.56
CA TYR B 77 -6.48 -3.37 26.14
C TYR B 77 -6.62 -2.28 25.11
N ILE B 78 -5.75 -1.28 25.19
CA ILE B 78 -5.76 -0.19 24.23
C ILE B 78 -4.50 -0.35 23.41
N TRP B 79 -4.66 -0.68 22.13
CA TRP B 79 -3.55 -0.86 21.22
C TRP B 79 -3.20 0.49 20.60
N ASN B 80 -1.94 0.86 20.68
CA ASN B 80 -1.50 2.15 20.17
C ASN B 80 -0.14 2.16 19.47
N THR B 81 -0.08 2.85 18.32
CA THR B 81 1.17 3.03 17.59
C THR B 81 1.28 4.54 17.41
N PHE B 82 2.47 5.08 17.63
CA PHE B 82 2.71 6.52 17.51
C PHE B 82 2.70 7.01 16.08
N GLY B 83 3.44 6.34 15.20
CA GLY B 83 3.50 6.77 13.82
C GLY B 83 4.48 7.94 13.74
N LEU B 84 4.65 8.48 12.54
CA LEU B 84 5.56 9.60 12.32
C LEU B 84 5.50 10.77 13.30
N THR B 85 4.30 11.24 13.64
CA THR B 85 4.20 12.40 14.52
C THR B 85 3.42 12.18 15.81
N GLY B 86 3.15 10.93 16.16
CA GLY B 86 2.40 10.66 17.38
C GLY B 86 3.19 10.95 18.65
N MET B 87 2.55 11.62 19.61
CA MET B 87 3.20 11.96 20.89
C MET B 87 2.21 11.96 22.06
N TRP B 88 2.63 11.42 23.20
CA TRP B 88 1.77 11.43 24.38
C TRP B 88 2.21 12.59 25.26
N SER B 89 1.32 13.09 26.09
CA SER B 89 1.66 14.20 26.97
C SER B 89 0.69 14.35 28.13
N LEU B 90 1.10 15.17 29.09
CA LEU B 90 0.29 15.42 30.28
C LEU B 90 -0.48 16.73 30.14
N PHE B 91 -0.20 17.46 29.07
CA PHE B 91 -0.89 18.71 28.81
C PHE B 91 -1.48 18.64 27.41
N GLU B 92 -2.60 19.34 27.22
CA GLU B 92 -3.29 19.34 25.94
C GLU B 92 -2.53 20.17 24.90
N ALA B 93 -1.62 19.51 24.19
CA ALA B 93 -0.82 20.17 23.18
C ALA B 93 -1.56 20.34 21.86
N LYS B 94 -0.95 21.09 20.97
CA LYS B 94 -1.50 21.35 19.66
C LYS B 94 -1.70 19.99 18.97
N TYR B 95 -2.78 19.87 18.21
CA TYR B 95 -3.11 18.64 17.50
C TYR B 95 -3.40 17.45 18.40
N THR B 96 -3.96 17.69 19.57
CA THR B 96 -4.34 16.60 20.45
C THR B 96 -5.47 15.88 19.74
N ARG B 97 -5.37 14.56 19.61
CA ARG B 97 -6.42 13.80 18.93
C ARG B 97 -7.29 13.04 19.92
N ALA B 98 -6.64 12.44 20.91
CA ALA B 98 -7.32 11.69 21.95
C ALA B 98 -7.07 12.30 23.32
N VAL B 99 -8.13 12.33 24.12
CA VAL B 99 -8.08 12.87 25.46
C VAL B 99 -8.58 11.75 26.38
N LEU B 100 -7.74 11.36 27.33
CA LEU B 100 -8.09 10.31 28.28
C LEU B 100 -8.42 10.97 29.61
N SER B 101 -9.63 10.72 30.10
CA SER B 101 -10.07 11.30 31.37
C SER B 101 -10.11 10.30 32.51
N PHE B 102 -9.28 10.55 33.54
CA PHE B 102 -9.22 9.70 34.71
C PHE B 102 -9.89 10.38 35.90
N ASP B 103 -10.15 9.61 36.95
CA ASP B 103 -10.77 10.14 38.15
C ASP B 103 -9.78 11.15 38.75
N ASN B 104 -10.29 12.11 39.52
CA ASN B 104 -9.46 13.10 40.17
C ASN B 104 -8.71 14.05 39.23
N GLU B 105 -9.41 14.52 38.20
CA GLU B 105 -8.88 15.47 37.23
C GLU B 105 -7.57 15.12 36.53
N LEU B 106 -7.10 13.88 36.67
CA LEU B 106 -5.87 13.46 36.01
C LEU B 106 -6.19 13.27 34.51
N MET B 107 -5.31 13.75 33.63
CA MET B 107 -5.55 13.63 32.19
C MET B 107 -4.30 13.20 31.40
N ALA B 108 -4.51 12.48 30.30
CA ALA B 108 -3.42 12.04 29.43
C ALA B 108 -3.84 12.42 28.02
N TYR B 109 -2.90 12.85 27.19
CA TYR B 109 -3.25 13.23 25.83
C TYR B 109 -2.35 12.61 24.77
N PHE B 110 -2.94 12.37 23.60
CA PHE B 110 -2.19 11.85 22.48
C PHE B 110 -2.38 12.85 21.36
N SER B 111 -1.29 13.46 20.90
CA SER B 111 -1.36 14.42 19.80
C SER B 111 -0.68 13.81 18.56
N ASP B 112 -1.18 14.13 17.37
CA ASP B 112 -0.61 13.53 16.15
C ASP B 112 -0.99 14.33 14.91
N MET B 113 -0.22 15.37 14.62
CA MET B 113 -0.53 16.22 13.47
C MET B 113 -0.76 15.51 12.14
N ARG B 114 0.09 14.55 11.80
CA ARG B 114 -0.04 13.83 10.54
C ARG B 114 -1.06 12.69 10.53
N ASN B 115 -1.57 12.32 11.71
CA ASN B 115 -2.58 11.27 11.80
C ASN B 115 -2.16 9.85 11.38
N PHE B 116 -0.89 9.50 11.56
CA PHE B 116 -0.43 8.17 11.19
C PHE B 116 -0.58 7.18 12.35
N GLY B 117 -0.66 7.71 13.56
CA GLY B 117 -0.83 6.86 14.73
C GLY B 117 -2.14 6.09 14.67
N THR B 118 -2.21 4.99 15.40
CA THR B 118 -3.43 4.19 15.39
C THR B 118 -3.88 3.85 16.79
N PHE B 119 -5.16 3.48 16.90
CA PHE B 119 -5.76 3.07 18.14
C PHE B 119 -6.71 1.95 17.79
N LYS B 120 -6.95 1.09 18.78
CA LYS B 120 -7.87 -0.03 18.65
C LYS B 120 -8.12 -0.49 20.08
N PHE B 121 -9.35 -0.89 20.35
CA PHE B 121 -9.72 -1.37 21.69
C PHE B 121 -10.12 -2.83 21.57
N SER B 122 -9.54 -3.66 22.42
CA SER B 122 -9.83 -5.09 22.40
C SER B 122 -10.07 -5.66 23.78
N ASN B 123 -11.14 -6.44 23.90
CA ASN B 123 -11.57 -7.08 25.14
C ASN B 123 -11.05 -8.53 25.19
N SER B 124 -9.95 -8.80 24.49
CA SER B 124 -9.40 -10.15 24.41
C SER B 124 -7.91 -10.34 24.68
N GLU B 125 -7.57 -11.01 25.78
CA GLU B 125 -6.17 -11.27 26.10
C GLU B 125 -5.56 -12.21 25.07
N LYS B 126 -6.32 -13.19 24.63
CA LYS B 126 -5.83 -14.14 23.64
C LYS B 126 -5.45 -13.42 22.35
N GLU B 127 -6.19 -12.37 21.99
CA GLU B 127 -5.86 -11.62 20.78
C GLU B 127 -4.59 -10.78 20.98
N LEU B 128 -4.32 -10.35 22.21
CA LEU B 128 -3.10 -9.59 22.47
C LEU B 128 -1.89 -10.48 22.21
N LYS B 129 -1.98 -11.74 22.65
CA LYS B 129 -0.88 -12.67 22.45
C LYS B 129 -0.60 -12.86 20.97
N ARG B 130 -1.65 -12.98 20.16
CA ARG B 130 -1.44 -13.13 18.73
C ARG B 130 -0.77 -11.88 18.19
N LYS B 131 -1.27 -10.73 18.60
CA LYS B 131 -0.73 -9.45 18.15
C LYS B 131 0.75 -9.28 18.51
N LEU B 132 1.13 -9.71 19.70
CA LEU B 132 2.51 -9.58 20.14
C LEU B 132 3.46 -10.53 19.44
N ASN B 133 3.01 -11.74 19.16
CA ASN B 133 3.87 -12.73 18.50
C ASN B 133 4.21 -12.36 17.06
N GLU B 134 3.63 -11.27 16.56
CA GLU B 134 3.90 -10.81 15.21
C GLU B 134 5.01 -9.77 15.22
N LEU B 135 5.67 -9.65 16.38
CA LEU B 135 6.78 -8.73 16.56
C LEU B 135 7.95 -9.54 17.09
N GLY B 136 9.15 -9.23 16.63
CA GLY B 136 10.31 -9.97 17.11
C GLY B 136 10.65 -9.49 18.50
N PRO B 137 11.63 -10.12 19.17
CA PRO B 137 12.04 -9.72 20.52
C PRO B 137 12.42 -8.24 20.57
N ASP B 138 12.08 -7.58 21.66
CA ASP B 138 12.38 -6.15 21.84
C ASP B 138 13.90 -5.95 21.95
N PHE B 139 14.48 -5.28 20.95
CA PHE B 139 15.92 -5.04 20.92
C PHE B 139 16.42 -4.28 22.15
N LEU B 140 15.58 -3.42 22.73
CA LEU B 140 15.99 -2.67 23.91
C LEU B 140 15.79 -3.46 25.19
N LYS B 141 14.59 -4.03 25.34
CA LYS B 141 14.25 -4.75 26.55
C LYS B 141 14.67 -6.21 26.70
N ASN B 142 14.96 -6.89 25.60
CA ASN B 142 15.38 -8.27 25.70
C ASN B 142 16.91 -8.31 25.65
N ASP B 143 17.50 -8.69 26.78
CA ASP B 143 18.95 -8.72 26.90
C ASP B 143 19.65 -9.91 26.25
N ASP B 144 18.89 -10.80 25.64
CA ASP B 144 19.50 -11.96 25.01
C ASP B 144 18.77 -12.46 23.78
N ILE B 145 18.93 -11.74 22.68
CA ILE B 145 18.30 -12.13 21.43
C ILE B 145 19.35 -12.85 20.59
N ASP B 146 18.98 -13.99 20.01
CA ASP B 146 19.90 -14.76 19.18
C ASP B 146 20.14 -14.05 17.86
N ILE B 147 21.07 -13.10 17.88
CA ILE B 147 21.42 -12.33 16.70
C ILE B 147 21.92 -13.20 15.55
N SER B 148 22.42 -14.39 15.89
CA SER B 148 22.94 -15.31 14.88
C SER B 148 21.91 -15.65 13.80
N LYS B 149 20.67 -15.26 14.00
CA LYS B 149 19.60 -15.53 13.04
C LYS B 149 19.81 -14.75 11.75
N ILE B 150 20.49 -13.60 11.85
CA ILE B 150 20.76 -12.76 10.68
C ILE B 150 21.35 -13.52 9.50
N LYS B 151 22.32 -14.39 9.76
CA LYS B 151 22.96 -15.13 8.67
C LYS B 151 22.08 -16.13 7.93
N LYS B 152 20.81 -16.22 8.32
CA LYS B 152 19.88 -17.13 7.67
C LYS B 152 19.08 -16.42 6.56
N TYR B 153 19.25 -15.10 6.48
CA TYR B 153 18.56 -14.29 5.50
C TYR B 153 19.55 -13.73 4.48
N LYS B 154 19.40 -14.13 3.22
CA LYS B 154 20.28 -13.64 2.18
C LYS B 154 19.75 -12.27 1.73
N GLN B 155 19.64 -11.36 2.69
CA GLN B 155 19.13 -10.03 2.40
C GLN B 155 19.96 -8.96 3.09
N PRO B 156 19.89 -7.72 2.59
CA PRO B 156 20.65 -6.60 3.17
C PRO B 156 20.43 -6.55 4.68
N ILE B 157 21.47 -6.14 5.41
CA ILE B 157 21.37 -6.07 6.86
C ILE B 157 20.49 -4.90 7.31
N VAL B 158 20.43 -3.86 6.50
CA VAL B 158 19.60 -2.70 6.84
C VAL B 158 18.13 -3.08 6.78
N ALA B 159 17.81 -4.07 5.95
CA ALA B 159 16.42 -4.54 5.82
C ALA B 159 16.07 -5.45 6.99
N LEU B 160 17.01 -6.30 7.37
CA LEU B 160 16.80 -7.22 8.48
C LEU B 160 16.62 -6.46 9.80
N LEU B 161 17.31 -5.33 9.93
CA LEU B 161 17.22 -4.54 11.15
C LEU B 161 16.00 -3.63 11.16
N MET B 162 15.56 -3.20 9.98
CA MET B 162 14.39 -2.33 9.87
C MET B 162 13.11 -3.16 10.07
N ASP B 163 13.22 -4.46 9.81
CA ASP B 163 12.09 -5.36 9.97
C ASP B 163 11.80 -5.54 11.45
N GLN B 164 10.52 -5.50 11.81
CA GLN B 164 10.10 -5.63 13.20
C GLN B 164 9.89 -7.06 13.68
N LYS B 165 10.06 -8.03 12.80
CA LYS B 165 9.86 -9.43 13.19
C LYS B 165 11.05 -10.36 12.92
N LYS B 166 11.66 -10.23 11.74
CA LYS B 166 12.78 -11.08 11.35
C LYS B 166 13.77 -11.37 12.48
N ILE B 167 14.41 -10.33 13.01
CA ILE B 167 15.38 -10.50 14.08
C ILE B 167 14.90 -9.96 15.42
N GLY B 168 14.39 -8.73 15.41
CA GLY B 168 13.86 -8.13 16.63
C GLY B 168 13.01 -6.92 16.30
N SER B 169 12.45 -6.29 17.33
CA SER B 169 11.62 -5.11 17.12
C SER B 169 12.11 -3.90 17.90
N GLY B 170 11.74 -2.70 17.43
CA GLY B 170 12.13 -1.48 18.12
C GLY B 170 13.08 -0.57 17.35
N LEU B 171 13.71 -1.09 16.30
CA LEU B 171 14.63 -0.28 15.53
C LEU B 171 13.98 0.45 14.37
N GLY B 172 14.37 1.71 14.19
CA GLY B 172 13.83 2.51 13.11
C GLY B 172 14.96 3.07 12.27
N ASN B 173 14.67 4.11 11.50
CA ASN B 173 15.67 4.71 10.63
C ASN B 173 16.94 5.18 11.32
N TYR B 174 16.83 5.98 12.37
CA TYR B 174 18.04 6.47 13.02
C TYR B 174 18.83 5.43 13.80
N LEU B 175 18.15 4.51 14.47
CA LEU B 175 18.86 3.49 15.24
C LEU B 175 19.66 2.58 14.33
N VAL B 176 19.03 2.11 13.25
CA VAL B 176 19.73 1.23 12.32
C VAL B 176 20.93 1.96 11.72
N ALA B 177 20.70 3.17 11.20
CA ALA B 177 21.80 3.94 10.62
C ALA B 177 22.95 4.04 11.61
N GLU B 178 22.68 4.60 12.79
CA GLU B 178 23.70 4.77 13.82
C GLU B 178 24.39 3.47 14.23
N ILE B 179 23.61 2.42 14.43
CA ILE B 179 24.17 1.15 14.84
C ILE B 179 25.15 0.56 13.83
N LEU B 180 24.76 0.52 12.56
CA LEU B 180 25.62 -0.04 11.52
C LEU B 180 26.91 0.78 11.35
N TYR B 181 26.84 2.08 11.60
CA TYR B 181 28.02 2.92 11.50
C TYR B 181 28.99 2.50 12.60
N ARG B 182 28.47 2.43 13.82
CA ARG B 182 29.28 2.03 14.98
C ARG B 182 29.89 0.66 14.71
N ALA B 183 29.07 -0.26 14.19
CA ALA B 183 29.52 -1.62 13.90
C ALA B 183 30.40 -1.68 12.65
N LYS B 184 30.50 -0.55 11.96
CA LYS B 184 31.32 -0.47 10.76
C LYS B 184 30.88 -1.49 9.71
N ILE B 185 29.57 -1.57 9.47
CA ILE B 185 29.05 -2.50 8.48
C ILE B 185 28.33 -1.75 7.37
N ASP B 186 28.51 -2.20 6.14
CA ASP B 186 27.86 -1.57 5.01
C ASP B 186 26.40 -2.03 4.98
N PRO B 187 25.45 -1.09 5.03
CA PRO B 187 24.03 -1.42 5.02
C PRO B 187 23.61 -2.35 3.89
N HIS B 188 24.41 -2.39 2.82
CA HIS B 188 24.08 -3.24 1.69
C HIS B 188 24.48 -4.70 1.91
N LYS B 189 25.54 -4.90 2.68
CA LYS B 189 26.03 -6.24 2.95
C LYS B 189 24.88 -7.17 3.31
N LEU B 190 24.86 -8.35 2.71
CA LEU B 190 23.81 -9.33 2.98
C LEU B 190 24.04 -9.94 4.36
N GLY B 191 22.97 -10.09 5.13
CA GLY B 191 23.08 -10.67 6.45
C GLY B 191 23.79 -12.00 6.45
N SER B 192 23.47 -12.84 5.46
CA SER B 192 24.06 -14.16 5.34
C SER B 192 25.58 -14.12 5.22
N ASN B 193 26.12 -12.97 4.82
CA ASN B 193 27.55 -12.80 4.64
C ASN B 193 28.27 -12.24 5.88
N LEU B 194 27.53 -11.84 6.90
CA LEU B 194 28.15 -11.30 8.11
C LEU B 194 29.03 -12.34 8.80
N THR B 195 30.28 -11.99 9.03
CA THR B 195 31.21 -12.89 9.69
C THR B 195 30.62 -13.33 11.02
N ASP B 196 31.11 -14.44 11.55
CA ASP B 196 30.61 -14.95 12.81
C ASP B 196 30.87 -13.93 13.92
N GLN B 197 31.97 -13.19 13.78
CA GLN B 197 32.36 -12.19 14.77
C GLN B 197 31.61 -10.88 14.59
N GLU B 198 31.25 -10.55 13.35
CA GLU B 198 30.53 -9.33 13.06
C GLU B 198 29.17 -9.30 13.74
N ILE B 199 28.42 -10.39 13.63
CA ILE B 199 27.10 -10.46 14.25
C ILE B 199 27.29 -10.24 15.76
N GLU B 200 28.36 -10.81 16.28
CA GLU B 200 28.70 -10.71 17.69
C GLU B 200 28.97 -9.24 18.02
N ASN B 201 29.65 -8.57 17.10
CA ASN B 201 29.98 -7.16 17.26
C ASN B 201 28.71 -6.31 17.14
N LEU B 202 27.90 -6.63 16.14
CA LEU B 202 26.65 -5.88 15.91
C LEU B 202 25.75 -5.96 17.15
N TRP B 203 25.69 -7.14 17.76
CA TRP B 203 24.86 -7.33 18.95
C TRP B 203 25.31 -6.36 20.03
N TYR B 204 26.61 -6.09 20.08
CA TYR B 204 27.13 -5.17 21.06
C TYR B 204 26.60 -3.75 20.83
N TRP B 205 26.70 -3.28 19.60
CA TRP B 205 26.23 -1.94 19.30
C TRP B 205 24.71 -1.80 19.30
N ILE B 206 24.00 -2.89 19.03
CA ILE B 206 22.54 -2.83 19.05
C ILE B 206 22.15 -2.54 20.50
N LYS B 207 22.80 -3.26 21.42
CA LYS B 207 22.52 -3.08 22.84
C LYS B 207 22.98 -1.71 23.31
N TYR B 208 24.17 -1.32 22.89
CA TYR B 208 24.78 -0.03 23.22
C TYR B 208 23.88 1.14 22.80
N GLU B 209 23.53 1.17 21.51
CA GLU B 209 22.72 2.24 20.94
C GLU B 209 21.28 2.34 21.43
N THR B 210 20.62 1.20 21.67
CA THR B 210 19.25 1.22 22.16
C THR B 210 19.20 1.75 23.58
N LYS B 211 20.18 1.38 24.39
CA LYS B 211 20.24 1.83 25.78
C LYS B 211 20.53 3.33 25.84
N LEU B 212 21.45 3.80 25.01
CA LEU B 212 21.83 5.21 24.99
C LEU B 212 20.59 6.05 24.64
N ALA B 213 19.89 5.65 23.58
CA ALA B 213 18.68 6.35 23.13
C ALA B 213 17.66 6.38 24.26
N TYR B 214 17.46 5.23 24.88
CA TYR B 214 16.51 5.08 25.97
C TYR B 214 16.83 5.99 27.16
N ASP B 215 18.10 6.05 27.55
CA ASP B 215 18.50 6.88 28.69
C ASP B 215 18.57 8.37 28.36
N SER B 216 18.53 8.71 27.08
CA SER B 216 18.60 10.11 26.69
C SER B 216 17.33 10.84 27.10
N ASN B 217 17.38 12.17 27.04
CA ASN B 217 16.22 12.98 27.41
C ASN B 217 15.54 13.75 26.30
N HIS B 218 16.32 14.29 25.36
CA HIS B 218 15.75 15.07 24.27
C HIS B 218 16.27 14.77 22.87
N ILE B 219 16.04 13.53 22.42
CA ILE B 219 16.46 13.11 21.09
C ILE B 219 15.71 13.94 20.06
N GLY B 220 14.48 14.32 20.40
CA GLY B 220 13.69 15.14 19.50
C GLY B 220 12.45 14.48 18.93
N TYR B 221 12.14 13.26 19.37
CA TYR B 221 10.97 12.55 18.87
C TYR B 221 9.86 12.34 19.89
N MET B 222 9.99 12.99 21.05
CA MET B 222 8.99 12.95 22.11
C MET B 222 9.16 14.24 22.90
N VAL B 223 9.22 15.34 22.17
CA VAL B 223 9.41 16.65 22.76
C VAL B 223 8.35 17.01 23.81
N ASN B 224 7.10 16.60 23.60
CA ASN B 224 6.05 16.92 24.57
C ASN B 224 6.21 16.21 25.92
N LEU B 225 7.32 15.48 26.09
CA LEU B 225 7.59 14.77 27.34
C LEU B 225 9.04 14.89 27.77
N GLU B 226 9.82 15.72 27.07
CA GLU B 226 11.24 15.88 27.41
C GLU B 226 11.42 16.33 28.86
N ASN B 227 10.53 17.21 29.32
CA ASN B 227 10.59 17.70 30.70
C ASN B 227 10.28 16.59 31.69
N GLU B 228 9.38 15.69 31.30
CA GLU B 228 8.98 14.59 32.14
C GLU B 228 10.03 13.48 32.12
N SER B 229 10.69 13.33 30.98
CA SER B 229 11.72 12.31 30.83
C SER B 229 12.90 12.54 31.77
N SER B 230 13.13 13.80 32.12
CA SER B 230 14.23 14.15 33.00
C SER B 230 13.81 14.13 34.47
N LYS B 231 12.53 13.88 34.72
CA LYS B 231 12.02 13.83 36.09
C LYS B 231 11.66 12.39 36.44
N ILE B 232 12.17 11.45 35.67
CA ILE B 232 11.93 10.03 35.92
C ILE B 232 13.20 9.26 35.62
N GLY B 233 13.34 8.09 36.22
CA GLY B 233 14.52 7.29 36.00
C GLY B 233 14.42 6.40 34.78
N ARG B 234 15.34 5.44 34.68
CA ARG B 234 15.36 4.52 33.56
C ARG B 234 15.54 3.07 34.04
N LYS B 235 14.91 2.14 33.34
CA LYS B 235 15.04 0.73 33.68
C LYS B 235 16.47 0.37 33.30
N ASN B 236 17.02 -0.66 33.93
CA ASN B 236 18.38 -1.06 33.65
C ASN B 236 18.48 -2.09 32.52
N TYR B 237 17.99 -1.72 31.34
CA TYR B 237 18.05 -2.62 30.18
C TYR B 237 19.52 -2.80 29.79
N HIS B 238 19.84 -3.96 29.22
CA HIS B 238 21.21 -4.28 28.80
C HIS B 238 22.14 -3.77 29.90
N PRO B 239 22.02 -4.33 31.11
CA PRO B 239 22.83 -3.94 32.27
C PRO B 239 24.35 -4.05 32.13
N ASN B 240 24.82 -4.89 31.21
CA ASN B 240 26.26 -5.07 31.04
C ASN B 240 26.92 -4.22 29.97
N ILE B 241 26.18 -3.27 29.40
CA ILE B 241 26.71 -2.38 28.38
C ILE B 241 26.68 -0.99 29.01
N HIS B 242 27.78 -0.25 28.89
CA HIS B 242 27.85 1.06 29.54
C HIS B 242 28.28 2.21 28.65
N PRO B 243 27.35 2.74 27.83
CA PRO B 243 27.68 3.85 26.95
C PRO B 243 28.37 4.95 27.74
N THR B 244 29.35 5.60 27.12
CA THR B 244 30.10 6.67 27.78
C THR B 244 29.50 8.04 27.56
N GLU B 245 28.62 8.15 26.56
CA GLU B 245 27.97 9.42 26.25
C GLU B 245 26.83 9.68 27.22
N LYS B 246 26.53 10.95 27.48
CA LYS B 246 25.45 11.29 28.40
C LYS B 246 24.13 11.55 27.65
N GLU B 247 24.23 11.69 26.33
CA GLU B 247 23.07 11.93 25.49
C GLU B 247 23.33 11.35 24.10
N PHE B 248 22.33 10.72 23.50
CA PHE B 248 22.51 10.13 22.18
C PHE B 248 22.96 11.21 21.19
N ASP B 249 23.85 10.86 20.28
CA ASP B 249 24.33 11.82 19.29
C ASP B 249 24.39 11.20 17.88
N PHE B 250 23.68 11.80 16.93
CA PHE B 250 23.67 11.29 15.57
C PHE B 250 25.04 11.45 14.93
N LEU B 251 25.68 10.34 14.63
CA LEU B 251 27.00 10.35 14.02
C LEU B 251 26.91 10.38 12.49
N VAL B 252 25.80 9.90 11.94
CA VAL B 252 25.61 9.90 10.49
C VAL B 252 24.18 10.21 10.10
N TYR B 253 23.22 9.70 10.88
CA TYR B 253 21.81 9.95 10.59
C TYR B 253 21.54 11.43 10.36
N ARG B 254 21.06 11.75 9.17
CA ARG B 254 20.75 13.13 8.79
C ARG B 254 22.02 13.95 8.83
N LYS B 255 23.14 13.33 8.46
CA LYS B 255 24.39 14.05 8.47
C LYS B 255 25.13 14.18 7.17
N LYS B 256 25.93 15.23 7.15
CA LYS B 256 26.79 15.65 6.06
C LYS B 256 27.93 14.66 6.00
N LYS B 257 28.73 14.66 7.06
CA LYS B 257 29.90 13.79 7.20
C LYS B 257 29.91 13.27 8.63
N ASP B 258 30.68 12.22 8.88
CA ASP B 258 30.77 11.64 10.21
C ASP B 258 31.65 12.55 11.08
N PRO B 259 31.85 12.18 12.35
CA PRO B 259 32.67 12.99 13.25
C PRO B 259 34.10 13.21 12.77
N ASN B 260 34.56 12.38 11.84
CA ASN B 260 35.92 12.52 11.32
C ASN B 260 35.96 13.33 10.03
N GLY B 261 34.84 13.35 9.30
CA GLY B 261 34.78 14.10 8.06
C GLY B 261 34.51 13.23 6.84
N ASN B 262 34.27 11.94 7.06
CA ASN B 262 33.99 11.02 5.97
C ASN B 262 32.62 11.34 5.39
N LYS B 263 32.55 11.39 4.06
CA LYS B 263 31.29 11.71 3.37
C LYS B 263 30.21 10.68 3.69
N VAL B 264 29.05 11.18 4.13
CA VAL B 264 27.92 10.34 4.46
C VAL B 264 26.85 10.49 3.39
N ILE B 265 26.51 9.39 2.73
CA ILE B 265 25.52 9.42 1.68
C ILE B 265 24.14 8.96 2.11
N ALA B 266 23.11 9.55 1.53
CA ALA B 266 21.73 9.20 1.83
C ALA B 266 21.26 8.16 0.81
N ASP B 267 21.51 6.89 1.12
CA ASP B 267 21.14 5.79 0.24
C ASP B 267 19.72 5.28 0.51
N LYS B 268 18.88 5.28 -0.51
CA LYS B 268 17.51 4.80 -0.38
C LYS B 268 17.45 3.32 -0.75
N ILE B 269 17.85 2.47 0.19
CA ILE B 269 17.86 1.03 -0.05
C ILE B 269 16.49 0.41 0.20
N ILE B 270 15.99 0.56 1.41
CA ILE B 270 14.71 0.00 1.80
C ILE B 270 13.57 0.99 1.53
N GLY B 271 12.41 0.46 1.18
CA GLY B 271 11.26 1.29 0.89
C GLY B 271 11.14 1.59 -0.60
N SER B 272 10.02 1.17 -1.20
CA SER B 272 9.79 1.37 -2.63
C SER B 272 8.69 2.40 -2.91
N GLY B 273 8.71 2.97 -4.11
CA GLY B 273 7.71 3.97 -4.47
C GLY B 273 7.78 5.15 -3.52
N LYS B 274 7.12 5.01 -2.38
CA LYS B 274 7.14 6.02 -1.35
C LYS B 274 7.02 5.20 -0.07
N ASN B 275 7.27 5.83 1.08
CA ASN B 275 7.29 5.12 2.37
C ASN B 275 8.72 4.57 2.32
N LYS B 276 9.44 4.98 1.27
CA LYS B 276 10.80 4.55 1.04
C LYS B 276 11.74 5.16 2.06
N ARG B 277 12.44 4.30 2.78
CA ARG B 277 13.34 4.76 3.83
C ARG B 277 14.63 5.33 3.29
N THR B 278 15.14 6.35 3.97
CA THR B 278 16.38 7.00 3.57
C THR B 278 17.48 6.64 4.57
N THR B 279 18.31 5.66 4.21
CA THR B 279 19.40 5.21 5.07
C THR B 279 20.63 6.10 4.92
N TYR B 280 21.36 6.26 6.02
CA TYR B 280 22.57 7.08 6.03
C TYR B 280 23.79 6.28 6.44
N TRP B 281 24.87 6.41 5.69
CA TRP B 281 26.11 5.70 6.00
C TRP B 281 27.32 6.34 5.31
N ALA B 282 28.49 6.19 5.92
CA ALA B 282 29.73 6.72 5.37
C ALA B 282 30.55 5.59 4.77
N PRO B 283 30.66 5.55 3.43
CA PRO B 283 31.42 4.53 2.70
C PRO B 283 32.85 4.32 3.19
N ALA B 284 33.51 5.40 3.60
CA ALA B 284 34.89 5.33 4.08
C ALA B 284 35.04 4.44 5.31
N ILE B 285 34.10 4.56 6.24
CA ILE B 285 34.14 3.80 7.49
C ILE B 285 33.36 2.48 7.46
N GLN B 286 32.24 2.45 6.73
CA GLN B 286 31.43 1.24 6.67
C GLN B 286 31.68 0.40 5.43
N LYS B 287 32.85 -0.22 5.37
CA LYS B 287 33.20 -1.07 4.23
C LYS B 287 32.69 -2.46 4.56
N LEU B 288 32.04 -3.12 3.59
CA LEU B 288 31.51 -4.46 3.80
C LEU B 288 32.60 -5.53 3.78
N GLU B 289 33.70 -5.25 4.48
CA GLU B 289 34.84 -6.16 4.58
C GLU B 289 35.38 -6.61 3.22
K K C . -9.18 0.99 14.89
K K D . -8.26 10.88 15.77
#